data_3OIO
#
_entry.id   3OIO
#
_cell.length_a   96.753
_cell.length_b   96.753
_cell.length_c   33.312
_cell.angle_alpha   90.000
_cell.angle_beta   90.000
_cell.angle_gamma   120.000
#
_symmetry.space_group_name_H-M   'P 65'
#
loop_
_entity.id
_entity.type
_entity.pdbx_description
1 polymer 'Transcriptional regulator (AraC-type DNA-binding domain-containing proteins)'
2 non-polymer 'CHLORIDE ION'
3 non-polymer 'SULFATE ION'
4 water water
#
_entity_poly.entity_id   1
_entity_poly.type   'polypeptide(L)'
_entity_poly.pdbx_seq_one_letter_code
;SNAGSQPKLTEAVSL(MSE)EANIEEPLSTDDIAYYVGVSRRQLERLFKQYLGTVPSKYYLELRLNRARQLLQQTSKSIV
QIGLACGFSSGPHFSSTYRNHFNITPREERAQRAQPG
;
_entity_poly.pdbx_strand_id   A
#
# COMPACT_ATOMS: atom_id res chain seq x y z
N ASN A 2 15.10 -14.29 -4.89
CA ASN A 2 13.65 -14.51 -4.55
C ASN A 2 13.31 -13.88 -3.18
N ALA A 3 12.19 -13.16 -3.11
CA ALA A 3 11.86 -12.26 -1.97
C ALA A 3 11.93 -12.91 -0.58
N GLY A 4 11.37 -14.11 -0.44
CA GLY A 4 11.36 -14.85 0.84
C GLY A 4 12.76 -15.16 1.39
N SER A 5 13.69 -15.31 0.46
CA SER A 5 15.11 -15.51 0.76
C SER A 5 15.84 -14.17 0.91
N GLN A 6 15.10 -13.06 0.84
CA GLN A 6 15.68 -11.74 1.14
C GLN A 6 15.08 -11.25 2.40
N PRO A 7 15.60 -11.72 3.53
CA PRO A 7 15.00 -11.39 4.80
C PRO A 7 14.91 -9.90 5.06
N LYS A 8 15.85 -9.10 4.57
N LYS A 8 15.87 -9.10 4.59
CA LYS A 8 15.75 -7.69 4.84
CA LYS A 8 15.79 -7.67 4.84
C LYS A 8 14.55 -7.06 4.15
C LYS A 8 14.59 -7.05 4.13
N LEU A 9 14.28 -7.54 2.93
CA LEU A 9 13.14 -7.03 2.19
C LEU A 9 11.84 -7.49 2.84
N THR A 10 11.73 -8.77 3.18
CA THR A 10 10.51 -9.23 3.86
C THR A 10 10.32 -8.56 5.23
N GLU A 11 11.42 -8.22 5.93
CA GLU A 11 11.31 -7.50 7.19
C GLU A 11 10.71 -6.11 6.96
N ALA A 12 11.24 -5.43 5.94
CA ALA A 12 10.74 -4.09 5.59
C ALA A 12 9.25 -4.16 5.25
N VAL A 13 8.86 -5.16 4.46
CA VAL A 13 7.45 -5.25 4.09
C VAL A 13 6.58 -5.53 5.32
N SER A 14 7.05 -6.38 6.23
CA SER A 14 6.29 -6.65 7.46
C SER A 14 6.14 -5.39 8.31
N LEU A 15 7.20 -4.57 8.36
CA LEU A 15 7.12 -3.34 9.11
C LEU A 15 6.11 -2.40 8.46
N GLU A 17 3.51 -3.22 6.70
CA GLU A 17 2.19 -3.78 6.97
C GLU A 17 1.65 -3.46 8.36
N ALA A 18 2.53 -3.16 9.31
CA ALA A 18 2.13 -2.77 10.66
C ALA A 18 1.86 -1.27 10.79
N ASN A 19 2.00 -0.52 9.70
CA ASN A 19 1.94 0.96 9.74
C ASN A 19 1.25 1.46 8.48
N ILE A 20 -0.07 1.25 8.44
CA ILE A 20 -0.84 1.58 7.25
C ILE A 20 -1.49 2.96 7.28
N GLU A 21 -2.21 3.28 8.35
CA GLU A 21 -2.89 4.59 8.45
C GLU A 21 -1.94 5.79 8.56
N GLU A 22 -0.84 5.58 9.27
N GLU A 22 -0.85 5.61 9.30
CA GLU A 22 0.24 6.57 9.40
CA GLU A 22 0.24 6.61 9.35
C GLU A 22 1.54 5.90 8.93
C GLU A 22 1.52 5.91 8.92
N PRO A 23 1.75 5.87 7.61
CA PRO A 23 2.87 5.07 7.10
C PRO A 23 4.24 5.66 7.45
N LEU A 24 5.22 4.80 7.61
CA LEU A 24 6.58 5.24 7.90
C LEU A 24 7.23 5.86 6.66
N SER A 25 8.10 6.87 6.84
CA SER A 25 8.90 7.30 5.72
C SER A 25 9.83 6.16 5.28
N THR A 26 10.29 6.21 4.04
CA THR A 26 11.29 5.21 3.56
C THR A 26 12.55 5.21 4.45
N ASP A 27 13.00 6.41 4.84
CA ASP A 27 14.14 6.50 5.73
C ASP A 27 13.90 5.78 7.04
N ASP A 28 12.71 5.96 7.61
CA ASP A 28 12.39 5.28 8.86
C ASP A 28 12.31 3.77 8.71
N ILE A 29 11.78 3.29 7.58
N ILE A 29 11.78 3.30 7.58
CA ILE A 29 11.79 1.83 7.36
CA ILE A 29 11.77 1.84 7.33
C ILE A 29 13.24 1.34 7.35
C ILE A 29 13.22 1.34 7.33
N ALA A 30 14.09 2.04 6.61
CA ALA A 30 15.50 1.65 6.54
C ALA A 30 16.18 1.69 7.91
N TYR A 31 15.93 2.73 8.72
N TYR A 31 15.93 2.73 8.71
CA TYR A 31 16.54 2.79 10.07
CA TYR A 31 16.56 2.85 10.03
C TYR A 31 16.10 1.59 10.93
C TYR A 31 16.14 1.67 10.92
N TYR A 32 14.80 1.26 10.85
N TYR A 32 14.87 1.30 10.82
CA TYR A 32 14.27 0.21 11.72
CA TYR A 32 14.36 0.25 11.68
C TYR A 32 14.70 -1.20 11.28
C TYR A 32 14.93 -1.11 11.28
N VAL A 33 14.92 -1.40 9.98
CA VAL A 33 15.46 -2.68 9.48
C VAL A 33 16.98 -2.75 9.49
N GLY A 34 17.66 -1.63 9.63
CA GLY A 34 19.11 -1.67 9.76
C GLY A 34 19.83 -1.75 8.43
N VAL A 35 19.32 -1.03 7.43
CA VAL A 35 20.08 -0.88 6.18
C VAL A 35 20.08 0.59 5.80
N SER A 36 20.97 1.01 4.89
CA SER A 36 20.88 2.39 4.42
C SER A 36 19.66 2.61 3.53
N ARG A 37 19.29 3.87 3.34
CA ARG A 37 18.21 4.15 2.43
C ARG A 37 18.48 3.58 1.02
N ARG A 38 19.70 3.79 0.52
CA ARG A 38 20.09 3.30 -0.79
C ARG A 38 19.94 1.78 -0.85
N GLN A 39 20.36 1.09 0.19
CA GLN A 39 20.25 -0.37 0.21
C GLN A 39 18.80 -0.83 0.23
N LEU A 40 17.94 -0.09 0.94
CA LEU A 40 16.53 -0.47 0.98
C LEU A 40 15.95 -0.29 -0.43
N GLU A 41 16.30 0.82 -1.07
CA GLU A 41 15.83 1.08 -2.43
C GLU A 41 16.30 -0.02 -3.38
N ARG A 42 17.56 -0.44 -3.23
N ARG A 42 17.56 -0.42 -3.23
CA ARG A 42 18.09 -1.50 -4.08
CA ARG A 42 18.12 -1.50 -4.04
C ARG A 42 17.33 -2.81 -3.89
C ARG A 42 17.33 -2.79 -3.89
N LEU A 43 16.96 -3.13 -2.66
CA LEU A 43 16.20 -4.35 -2.37
C LEU A 43 14.85 -4.30 -3.08
N PHE A 44 14.17 -3.17 -3.00
CA PHE A 44 12.83 -3.07 -3.59
C PHE A 44 12.94 -3.09 -5.08
N LYS A 45 13.96 -2.44 -5.62
CA LYS A 45 14.14 -2.44 -7.09
C LYS A 45 14.47 -3.84 -7.63
N GLN A 46 15.37 -4.54 -6.95
N GLN A 46 15.49 -4.46 -7.05
CA GLN A 46 15.77 -5.90 -7.34
CA GLN A 46 16.06 -5.69 -7.59
C GLN A 46 14.73 -7.01 -7.09
C GLN A 46 15.14 -6.89 -7.36
N TYR A 47 14.12 -7.05 -5.90
N TYR A 47 14.30 -6.80 -6.35
CA TYR A 47 13.30 -8.21 -5.50
CA TYR A 47 13.37 -7.89 -6.07
C TYR A 47 11.79 -8.02 -5.56
C TYR A 47 11.94 -7.54 -6.46
N LEU A 48 11.36 -6.80 -5.89
N LEU A 48 11.32 -6.60 -5.75
CA LEU A 48 9.95 -6.54 -6.15
CA LEU A 48 9.91 -6.30 -6.02
C LEU A 48 9.73 -5.70 -7.42
C LEU A 48 9.69 -5.43 -7.26
N GLY A 49 10.78 -5.07 -7.94
CA GLY A 49 10.68 -4.29 -9.18
C GLY A 49 10.14 -2.86 -9.08
N THR A 50 10.19 -2.26 -7.90
CA THR A 50 9.62 -0.92 -7.70
C THR A 50 10.43 -0.16 -6.65
N VAL A 51 9.98 1.00 -6.24
CA VAL A 51 10.64 1.74 -5.18
C VAL A 51 9.82 1.61 -3.91
N PRO A 52 10.46 1.78 -2.75
CA PRO A 52 9.71 1.53 -1.51
C PRO A 52 8.41 2.34 -1.35
N SER A 53 8.41 3.62 -1.72
CA SER A 53 7.24 4.46 -1.56
C SER A 53 6.08 3.97 -2.43
N LYS A 54 6.41 3.46 -3.60
CA LYS A 54 5.35 2.95 -4.49
C LYS A 54 4.81 1.62 -4.04
N TYR A 55 5.67 0.76 -3.49
CA TYR A 55 5.16 -0.48 -2.91
C TYR A 55 4.26 -0.14 -1.70
N TYR A 56 4.67 0.84 -0.90
CA TYR A 56 3.86 1.24 0.27
C TYR A 56 2.46 1.71 -0.15
N LEU A 57 2.42 2.46 -1.25
CA LEU A 57 1.13 2.88 -1.81
C LEU A 57 0.32 1.62 -2.23
N GLU A 58 0.96 0.65 -2.89
CA GLU A 58 0.23 -0.58 -3.25
C GLU A 58 -0.36 -1.26 -2.01
N LEU A 59 0.42 -1.31 -0.94
N LEU A 59 0.42 -1.32 -0.93
CA LEU A 59 -0.01 -1.94 0.30
CA LEU A 59 -0.04 -1.95 0.31
C LEU A 59 -1.22 -1.20 0.88
C LEU A 59 -1.24 -1.20 0.89
N ARG A 60 -1.15 0.12 0.94
CA ARG A 60 -2.25 0.95 1.46
C ARG A 60 -3.50 0.81 0.58
N LEU A 61 -3.31 0.73 -0.74
CA LEU A 61 -4.44 0.51 -1.67
C LEU A 61 -5.09 -0.86 -1.47
N ASN A 62 -4.26 -1.90 -1.22
CA ASN A 62 -4.82 -3.20 -0.91
C ASN A 62 -5.56 -3.24 0.42
N ARG A 63 -5.06 -2.51 1.44
CA ARG A 63 -5.85 -2.42 2.67
C ARG A 63 -7.19 -1.73 2.35
N ALA A 64 -7.16 -0.70 1.51
CA ALA A 64 -8.41 0.02 1.16
C ALA A 64 -9.37 -0.96 0.48
N ARG A 65 -8.84 -1.79 -0.41
CA ARG A 65 -9.69 -2.79 -1.08
C ARG A 65 -10.36 -3.71 -0.05
N GLN A 66 -9.58 -4.18 0.93
N GLN A 66 -9.60 -4.18 0.94
CA GLN A 66 -10.13 -4.99 2.02
CA GLN A 66 -10.20 -4.98 1.99
C GLN A 66 -11.27 -4.27 2.75
C GLN A 66 -11.33 -4.24 2.68
N LEU A 67 -11.09 -2.98 3.04
CA LEU A 67 -12.12 -2.17 3.72
C LEU A 67 -13.37 -1.93 2.84
N LEU A 68 -13.17 -1.79 1.54
CA LEU A 68 -14.26 -1.63 0.60
C LEU A 68 -15.09 -2.87 0.52
N GLN A 69 -14.44 -4.02 0.69
CA GLN A 69 -15.16 -5.27 0.62
C GLN A 69 -15.83 -5.65 1.94
N GLN A 70 -15.45 -5.02 3.06
CA GLN A 70 -15.96 -5.39 4.39
C GLN A 70 -16.51 -4.35 5.36
N THR A 71 -16.76 -3.13 4.94
CA THR A 71 -17.26 -2.16 5.90
C THR A 71 -18.30 -1.32 5.20
N SER A 72 -19.03 -0.51 5.95
CA SER A 72 -19.94 0.46 5.33
C SER A 72 -19.32 1.86 5.46
N LYS A 73 -18.00 1.92 5.66
CA LYS A 73 -17.34 3.18 5.89
C LYS A 73 -17.45 3.90 4.57
N SER A 74 -17.67 5.20 4.61
CA SER A 74 -17.72 5.97 3.37
C SER A 74 -16.39 5.81 2.59
N ILE A 75 -16.43 6.13 1.30
CA ILE A 75 -15.22 6.16 0.50
C ILE A 75 -14.20 7.08 1.18
N VAL A 76 -14.67 8.21 1.69
CA VAL A 76 -13.80 9.20 2.33
C VAL A 76 -13.11 8.64 3.59
N GLN A 77 -13.90 7.97 4.43
N GLN A 77 -13.88 7.98 4.44
CA GLN A 77 -13.42 7.34 5.65
CA GLN A 77 -13.29 7.43 5.66
C GLN A 77 -12.30 6.34 5.34
C GLN A 77 -12.28 6.31 5.37
N ILE A 78 -12.53 5.52 4.32
CA ILE A 78 -11.59 4.45 3.98
C ILE A 78 -10.32 5.09 3.45
N GLY A 79 -10.47 6.11 2.61
CA GLY A 79 -9.27 6.83 2.10
C GLY A 79 -8.46 7.37 3.26
N LEU A 80 -9.11 7.99 4.25
CA LEU A 80 -8.36 8.55 5.40
C LEU A 80 -7.69 7.46 6.24
N ALA A 81 -8.37 6.34 6.44
CA ALA A 81 -7.84 5.21 7.21
C ALA A 81 -6.63 4.56 6.55
N CYS A 82 -6.46 4.78 5.24
CA CYS A 82 -5.37 4.16 4.52
C CYS A 82 -4.33 5.20 4.13
N GLY A 83 -4.36 6.36 4.79
CA GLY A 83 -3.29 7.36 4.68
C GLY A 83 -3.43 8.38 3.56
N PHE A 84 -4.57 8.40 2.89
CA PHE A 84 -4.82 9.34 1.79
C PHE A 84 -5.26 10.67 2.35
N SER A 85 -5.11 11.75 1.61
N SER A 85 -5.04 11.71 1.53
CA SER A 85 -5.54 13.01 2.19
CA SER A 85 -5.21 13.13 1.89
C SER A 85 -6.57 13.73 1.40
C SER A 85 -6.57 13.65 1.45
N SER A 86 -7.15 13.05 0.42
CA SER A 86 -8.43 13.50 -0.10
C SER A 86 -9.13 12.35 -0.79
N GLY A 87 -10.44 12.52 -0.93
CA GLY A 87 -11.23 11.57 -1.67
C GLY A 87 -10.79 11.45 -3.11
N PRO A 88 -10.67 12.61 -3.84
CA PRO A 88 -10.26 12.51 -5.24
C PRO A 88 -8.90 11.85 -5.37
N HIS A 89 -7.96 12.15 -4.48
CA HIS A 89 -6.66 11.48 -4.57
C HIS A 89 -6.77 9.96 -4.35
N PHE A 90 -7.49 9.57 -3.31
CA PHE A 90 -7.70 8.15 -3.06
C PHE A 90 -8.37 7.46 -4.26
N SER A 91 -9.50 8.00 -4.74
N SER A 91 -9.46 8.04 -4.76
CA SER A 91 -10.26 7.27 -5.77
CA SER A 91 -10.23 7.36 -5.82
C SER A 91 -9.49 7.21 -7.09
C SER A 91 -9.45 7.24 -7.13
N SER A 92 -8.76 8.26 -7.43
N SER A 92 -8.69 8.27 -7.47
N SER A 92 -8.63 8.32 -7.26
CA SER A 92 -8.02 8.28 -8.67
CA SER A 92 -7.90 8.23 -8.69
CA SER A 92 -7.96 8.32 -8.55
C SER A 92 -6.85 7.29 -8.63
C SER A 92 -6.78 7.22 -8.61
C SER A 92 -6.70 7.42 -8.56
N THR A 93 -6.10 7.27 -7.54
N THR A 93 -6.07 7.25 -7.50
CA THR A 93 -4.99 6.29 -7.44
CA THR A 93 -4.97 6.33 -7.30
C THR A 93 -5.50 4.85 -7.36
C THR A 93 -5.47 4.88 -7.30
N TYR A 94 -6.61 4.67 -6.65
CA TYR A 94 -7.24 3.35 -6.57
C TYR A 94 -7.62 2.88 -7.99
N ARG A 95 -8.28 3.75 -8.75
CA ARG A 95 -8.70 3.39 -10.10
C ARG A 95 -7.50 3.10 -11.02
N ASN A 96 -6.45 3.89 -10.90
CA ASN A 96 -5.26 3.63 -11.71
C ASN A 96 -4.66 2.25 -11.38
N HIS A 97 -4.69 1.88 -10.10
CA HIS A 97 -4.04 0.66 -9.66
C HIS A 97 -4.87 -0.60 -9.98
N PHE A 98 -6.17 -0.53 -9.70
CA PHE A 98 -7.05 -1.71 -9.78
C PHE A 98 -7.93 -1.74 -11.02
N ASN A 99 -7.92 -0.64 -11.76
N ASN A 99 -7.91 -0.64 -11.77
CA ASN A 99 -8.75 -0.48 -12.96
CA ASN A 99 -8.74 -0.45 -12.99
C ASN A 99 -10.24 -0.61 -12.71
C ASN A 99 -10.23 -0.23 -12.75
N ILE A 100 -10.63 -0.24 -11.48
CA ILE A 100 -12.03 0.04 -11.13
C ILE A 100 -12.00 1.06 -10.02
N THR A 101 -13.10 1.78 -9.84
CA THR A 101 -13.14 2.78 -8.79
C THR A 101 -13.47 2.14 -7.44
N PRO A 102 -13.20 2.87 -6.34
CA PRO A 102 -13.59 2.34 -5.03
C PRO A 102 -15.09 2.03 -4.94
N ARG A 103 -15.93 2.88 -5.54
CA ARG A 103 -17.37 2.65 -5.52
C ARG A 103 -17.72 1.36 -6.29
N GLU A 104 -17.02 1.10 -7.39
CA GLU A 104 -17.28 -0.13 -8.18
C GLU A 104 -16.81 -1.34 -7.37
N GLU A 105 -15.67 -1.20 -6.69
CA GLU A 105 -15.14 -2.32 -5.86
C GLU A 105 -16.19 -2.67 -4.79
N ARG A 106 -16.71 -1.66 -4.10
N ARG A 106 -16.71 -1.65 -4.12
CA ARG A 106 -17.73 -1.96 -3.08
CA ARG A 106 -17.75 -1.83 -3.10
C ARG A 106 -19.00 -2.56 -3.70
C ARG A 106 -18.98 -2.51 -3.69
N ALA A 107 -19.42 -2.06 -4.86
CA ALA A 107 -20.63 -2.61 -5.50
C ALA A 107 -20.45 -4.08 -5.85
N GLN A 108 -19.21 -4.45 -6.16
CA GLN A 108 -18.92 -5.82 -6.57
C GLN A 108 -18.48 -6.76 -5.43
N ARG A 109 -18.48 -6.30 -4.17
N ARG A 109 -18.50 -6.29 -4.17
CA ARG A 109 -17.89 -7.09 -3.09
CA ARG A 109 -17.95 -7.05 -3.04
C ARG A 109 -18.58 -8.45 -2.89
C ARG A 109 -18.61 -8.41 -2.81
N ALA A 110 -19.88 -8.53 -3.19
CA ALA A 110 -20.65 -9.74 -2.91
C ALA A 110 -20.64 -10.69 -4.10
N GLN A 111 -19.82 -10.42 -5.12
CA GLN A 111 -19.73 -11.34 -6.24
C GLN A 111 -19.45 -12.75 -5.74
N PRO A 112 -20.31 -13.74 -6.12
CA PRO A 112 -20.20 -15.11 -5.64
C PRO A 112 -19.25 -15.92 -6.50
N GLY A 113 -18.47 -15.25 -7.34
CA GLY A 113 -17.56 -15.91 -8.31
C GLY A 113 -18.28 -16.63 -9.45
#